data_6Y7P
#
_entry.id   6Y7P
#
_cell.length_a   107.347
_cell.length_b   72.799
_cell.length_c   54.288
_cell.angle_alpha   90.000
_cell.angle_beta   120.380
_cell.angle_gamma   90.000
#
_symmetry.space_group_name_H-M   'C 1 2 1'
#
loop_
_entity.id
_entity.type
_entity.pdbx_description
1 polymer Tako8
2 non-polymer W-Zr-cluster
3 water water
#
_entity_poly.entity_id   1
_entity_poly.type   'polypeptide(L)'
_entity_poly.pdbx_seq_one_letter_code
;GSHMGQSLRTLQGHQSAVTSLQFNDNIVVSGSDDSTVKVWDIKTGQSLRTLQGHQSAVTSLQFNDNIVVSGSDDSTVKVW
DIKTGQSLRTLQGHQSAVTSLQFNDNIVVSGSDDSTVKVWDIKTGQSLRTLQGHQSAVTSLQFNDNIVVSGSDDSTVKVW
DIKTGQSLRTLQGHQSAVTSLQFNDNIVVSGSDDSTVKVWDIKTGQSLRTLQGHQSAVTSLQFNDNIVVSGSDDSTVKVW
DIKTGQSLRTLQGHQSAVTSLQFNDNIVVSGSDDSTVKVWDIKTGQSLRTLQGHQSAVTSLQFNDNIVVSGSDDSTVKVW
DIKGS
;
_entity_poly.pdbx_strand_id   A
#
# COMPACT_ATOMS: atom_id res chain seq x y z
N GLN A 6 -13.40 -18.95 -7.12
CA GLN A 6 -12.53 -20.10 -7.34
C GLN A 6 -11.08 -19.63 -7.53
N SER A 7 -10.14 -20.37 -6.93
CA SER A 7 -8.73 -20.11 -7.19
C SER A 7 -8.38 -20.54 -8.62
N LEU A 8 -7.79 -19.62 -9.37
CA LEU A 8 -7.38 -19.89 -10.75
C LEU A 8 -5.92 -20.30 -10.85
N ARG A 9 -5.03 -19.61 -10.13
CA ARG A 9 -3.61 -19.91 -10.21
C ARG A 9 -3.03 -19.77 -8.82
N THR A 10 -2.02 -20.60 -8.52
CA THR A 10 -1.20 -20.41 -7.34
C THR A 10 0.23 -20.26 -7.79
N LEU A 11 0.84 -19.14 -7.44
CA LEU A 11 2.18 -18.77 -7.89
C LEU A 11 3.14 -19.15 -6.76
N GLN A 12 3.90 -20.22 -6.97
CA GLN A 12 4.74 -20.82 -5.94
C GLN A 12 6.20 -20.64 -6.30
N GLY A 13 7.01 -20.27 -5.31
CA GLY A 13 8.43 -20.10 -5.59
C GLY A 13 9.14 -19.24 -4.57
N HIS A 14 8.49 -18.20 -4.06
CA HIS A 14 9.10 -17.46 -2.97
C HIS A 14 9.33 -18.39 -1.78
N GLN A 15 10.39 -18.12 -1.03
CA GLN A 15 10.78 -18.93 0.12
C GLN A 15 10.35 -18.32 1.45
N SER A 16 9.64 -17.21 1.42
CA SER A 16 9.12 -16.60 2.63
C SER A 16 7.96 -15.67 2.21
N ALA A 17 7.45 -14.94 3.20
CA ALA A 17 6.20 -14.19 3.08
C ALA A 17 6.24 -13.22 1.90
N VAL A 18 5.14 -13.16 1.16
CA VAL A 18 4.93 -12.10 0.17
C VAL A 18 4.43 -10.86 0.89
N THR A 19 5.12 -9.73 0.67
CA THR A 19 4.83 -8.47 1.34
C THR A 19 4.09 -7.47 0.46
N SER A 20 4.21 -7.62 -0.85
CA SER A 20 3.84 -6.56 -1.78
C SER A 20 3.60 -7.20 -3.14
N LEU A 21 2.69 -6.61 -3.90
CA LEU A 21 2.43 -7.14 -5.22
C LEU A 21 1.78 -6.07 -6.09
N GLN A 22 1.90 -6.24 -7.40
CA GLN A 22 1.22 -5.40 -8.37
C GLN A 22 0.98 -6.27 -9.60
N PHE A 23 -0.13 -6.06 -10.29
CA PHE A 23 -0.31 -6.80 -11.52
C PHE A 23 -0.89 -5.91 -12.59
N ASN A 24 -0.54 -6.24 -13.83
CA ASN A 24 -0.96 -5.46 -14.99
C ASN A 24 -0.98 -6.38 -16.19
N ASP A 25 -2.16 -6.44 -16.83
CA ASP A 25 -2.42 -7.38 -17.91
C ASP A 25 -2.01 -8.79 -17.49
N ASN A 26 -1.00 -9.38 -18.13
CA ASN A 26 -0.66 -10.77 -17.86
C ASN A 26 0.58 -10.94 -16.99
N ILE A 27 1.03 -9.87 -16.34
CA ILE A 27 2.22 -9.89 -15.48
C ILE A 27 1.78 -9.63 -14.03
N VAL A 28 2.29 -10.46 -13.10
CA VAL A 28 2.27 -10.16 -11.66
C VAL A 28 3.71 -9.97 -11.21
N VAL A 29 3.96 -8.94 -10.42
CA VAL A 29 5.27 -8.75 -9.78
C VAL A 29 5.07 -8.79 -8.28
N SER A 30 5.87 -9.62 -7.58
CA SER A 30 5.71 -9.82 -6.14
C SER A 30 7.03 -9.60 -5.42
N GLY A 31 6.97 -8.99 -4.23
CA GLY A 31 8.13 -8.83 -3.38
C GLY A 31 8.00 -9.71 -2.14
N SER A 32 9.13 -10.14 -1.58
CA SER A 32 9.06 -11.14 -0.51
C SER A 32 10.07 -10.87 0.60
N ASP A 33 9.75 -11.39 1.80
CA ASP A 33 10.72 -11.47 2.89
C ASP A 33 11.95 -12.27 2.52
N ASP A 34 11.90 -13.08 1.47
CA ASP A 34 13.08 -13.86 1.08
C ASP A 34 14.11 -13.03 0.34
N SER A 35 13.85 -11.73 0.15
CA SER A 35 14.75 -10.69 -0.42
C SER A 35 14.74 -10.67 -1.95
N THR A 36 13.80 -11.36 -2.57
CA THR A 36 13.70 -11.32 -4.03
C THR A 36 12.40 -10.64 -4.45
N VAL A 37 12.40 -10.21 -5.70
CA VAL A 37 11.19 -9.87 -6.44
C VAL A 37 11.03 -10.93 -7.51
N LYS A 38 9.79 -11.38 -7.73
CA LYS A 38 9.54 -12.33 -8.80
C LYS A 38 8.55 -11.74 -9.79
N VAL A 39 8.79 -12.06 -11.07
CA VAL A 39 7.93 -11.64 -12.17
C VAL A 39 7.25 -12.89 -12.70
N TRP A 40 5.92 -12.85 -12.81
CA TRP A 40 5.15 -14.05 -13.08
C TRP A 40 4.24 -13.85 -14.28
N ASP A 41 4.02 -14.95 -15.02
CA ASP A 41 3.03 -14.97 -16.08
C ASP A 41 1.70 -15.45 -15.50
N ILE A 42 0.68 -14.60 -15.57
CA ILE A 42 -0.62 -14.96 -15.02
C ILE A 42 -1.34 -16.01 -15.88
N LYS A 43 -1.03 -16.07 -17.18
CA LYS A 43 -1.71 -17.05 -18.05
C LYS A 43 -1.48 -18.48 -17.57
N THR A 44 -0.23 -18.85 -17.33
CA THR A 44 0.10 -20.19 -16.91
C THR A 44 0.50 -20.31 -15.44
N GLY A 45 0.54 -19.19 -14.71
CA GLY A 45 0.89 -19.22 -13.30
C GLY A 45 2.31 -19.60 -13.02
N GLN A 46 3.24 -19.27 -13.93
CA GLN A 46 4.63 -19.70 -13.83
C GLN A 46 5.53 -18.49 -13.70
N SER A 47 6.65 -18.69 -13.01
CA SER A 47 7.65 -17.65 -12.84
C SER A 47 8.30 -17.32 -14.18
N LEU A 48 8.48 -16.03 -14.44
CA LEU A 48 9.24 -15.55 -15.59
C LEU A 48 10.70 -15.33 -15.24
N ARG A 49 10.94 -14.62 -14.14
CA ARG A 49 12.31 -14.42 -13.68
C ARG A 49 12.29 -14.00 -12.21
N THR A 50 13.45 -14.09 -11.59
CA THR A 50 13.62 -13.69 -10.21
C THR A 50 14.67 -12.60 -10.16
N LEU A 51 14.33 -11.49 -9.51
CA LEU A 51 15.21 -10.33 -9.43
C LEU A 51 15.97 -10.46 -8.11
N GLN A 52 17.26 -10.79 -8.20
CA GLN A 52 18.09 -11.11 -7.06
C GLN A 52 19.09 -10.01 -6.82
N GLY A 53 19.29 -9.65 -5.57
CA GLY A 53 20.23 -8.58 -5.30
C GLY A 53 20.03 -7.86 -3.99
N HIS A 54 18.77 -7.65 -3.57
CA HIS A 54 18.57 -7.09 -2.24
C HIS A 54 19.13 -8.02 -1.16
N GLN A 55 19.59 -7.42 -0.06
CA GLN A 55 20.21 -8.18 1.02
C GLN A 55 19.28 -8.43 2.19
N SER A 56 18.02 -8.03 2.06
CA SER A 56 17.01 -8.28 3.07
C SER A 56 15.65 -8.15 2.43
N ALA A 57 14.60 -8.26 3.24
CA ALA A 57 13.24 -8.31 2.75
C ALA A 57 12.90 -7.18 1.80
N VAL A 58 12.12 -7.50 0.78
CA VAL A 58 11.52 -6.49 -0.08
C VAL A 58 10.21 -6.06 0.57
N THR A 59 10.07 -4.76 0.77
CA THR A 59 8.93 -4.19 1.47
C THR A 59 7.90 -3.57 0.55
N SER A 60 8.29 -3.19 -0.66
CA SER A 60 7.49 -2.33 -1.50
C SER A 60 8.01 -2.40 -2.93
N LEU A 61 7.08 -2.26 -3.88
CA LEU A 61 7.51 -2.25 -5.27
C LEU A 61 6.46 -1.52 -6.12
N GLN A 62 6.91 -1.10 -7.30
CA GLN A 62 6.06 -0.57 -8.35
C GLN A 62 6.72 -0.93 -9.67
N PHE A 63 5.93 -1.23 -10.70
CA PHE A 63 6.51 -1.51 -12.01
C PHE A 63 5.71 -0.84 -13.12
N ASN A 64 6.36 -0.64 -14.26
CA ASN A 64 5.68 -0.18 -15.48
C ASN A 64 6.15 -1.09 -16.62
N ASP A 65 6.03 -0.60 -17.86
CA ASP A 65 6.36 -1.45 -19.00
C ASP A 65 7.86 -1.71 -19.11
N ASN A 66 8.68 -0.81 -18.60
CA ASN A 66 10.14 -0.88 -18.72
C ASN A 66 10.83 -1.46 -17.48
N ILE A 67 10.40 -1.05 -16.29
CA ILE A 67 11.23 -1.24 -15.10
C ILE A 67 10.39 -1.65 -13.91
N VAL A 68 11.05 -2.30 -12.97
CA VAL A 68 10.54 -2.52 -11.61
C VAL A 68 11.40 -1.68 -10.69
N VAL A 69 10.76 -1.00 -9.74
CA VAL A 69 11.46 -0.30 -8.67
C VAL A 69 11.04 -0.94 -7.35
N SER A 70 12.01 -1.32 -6.53
CA SER A 70 11.75 -2.08 -5.31
C SER A 70 12.48 -1.46 -4.12
N GLY A 71 11.84 -1.48 -2.96
CA GLY A 71 12.47 -1.00 -1.73
C GLY A 71 12.69 -2.15 -0.77
N SER A 72 13.72 -2.07 0.07
CA SER A 72 14.10 -3.20 0.91
C SER A 72 14.45 -2.77 2.34
N ASP A 73 14.31 -3.73 3.28
CA ASP A 73 14.88 -3.63 4.61
C ASP A 73 16.38 -3.40 4.59
N ASP A 74 17.08 -3.70 3.48
CA ASP A 74 18.50 -3.44 3.42
C ASP A 74 18.83 -1.95 3.21
N SER A 75 17.81 -1.10 3.23
CA SER A 75 17.90 0.38 3.13
C SER A 75 18.16 0.86 1.70
N THR A 76 18.11 0.01 0.68
CA THR A 76 18.25 0.49 -0.69
C THR A 76 16.93 0.43 -1.44
N VAL A 77 16.89 1.20 -2.51
CA VAL A 77 15.92 1.04 -3.59
C VAL A 77 16.69 0.55 -4.81
N LYS A 78 16.12 -0.41 -5.53
CA LYS A 78 16.77 -0.88 -6.74
C LYS A 78 15.85 -0.68 -7.93
N VAL A 79 16.45 -0.35 -9.07
CA VAL A 79 15.76 -0.23 -10.35
C VAL A 79 16.20 -1.41 -11.23
N TRP A 80 15.23 -2.15 -11.74
CA TRP A 80 15.48 -3.35 -12.53
C TRP A 80 14.85 -3.24 -13.91
N ASP A 81 15.44 -3.93 -14.88
CA ASP A 81 14.79 -4.10 -16.17
C ASP A 81 13.82 -5.27 -16.07
N ILE A 82 12.53 -5.01 -16.33
CA ILE A 82 11.52 -6.04 -16.09
C ILE A 82 11.63 -7.17 -17.08
N LYS A 83 12.19 -6.92 -18.28
CA LYS A 83 12.28 -7.95 -19.31
C LYS A 83 13.55 -8.78 -19.19
N THR A 84 14.67 -8.16 -18.82
CA THR A 84 15.92 -8.92 -18.65
C THR A 84 16.10 -9.44 -17.23
N GLY A 85 15.44 -8.83 -16.25
CA GLY A 85 15.67 -9.16 -14.85
C GLY A 85 16.94 -8.58 -14.28
N GLN A 86 17.65 -7.76 -15.04
CA GLN A 86 18.94 -7.23 -14.58
C GLN A 86 18.75 -6.02 -13.68
N SER A 87 19.54 -5.98 -12.60
CA SER A 87 19.64 -4.78 -11.76
C SER A 87 20.28 -3.66 -12.57
N LEU A 88 19.63 -2.50 -12.63
CA LEU A 88 20.18 -1.37 -13.39
C LEU A 88 20.86 -0.34 -12.50
N ARG A 89 20.28 -0.02 -11.34
N ARG A 89 20.28 -0.03 -11.34
CA ARG A 89 20.87 0.97 -10.46
CA ARG A 89 20.82 0.99 -10.46
C ARG A 89 20.37 0.75 -9.04
C ARG A 89 20.37 0.69 -9.03
N THR A 90 21.26 0.90 -8.07
CA THR A 90 20.93 0.82 -6.66
C THR A 90 20.97 2.24 -6.11
N LEU A 91 19.86 2.67 -5.51
CA LEU A 91 19.78 4.00 -4.93
C LEU A 91 20.17 3.89 -3.46
N GLN A 92 21.34 4.40 -3.14
CA GLN A 92 21.92 4.25 -1.82
C GLN A 92 21.87 5.59 -1.07
N GLY A 93 21.51 5.55 0.20
CA GLY A 93 21.44 6.80 0.93
C GLY A 93 20.67 6.75 2.21
N HIS A 94 19.50 6.11 2.18
CA HIS A 94 18.76 5.87 3.41
C HIS A 94 19.61 5.10 4.42
N GLN A 95 19.42 5.41 5.70
CA GLN A 95 20.19 4.78 6.78
C GLN A 95 19.44 3.66 7.45
N SER A 96 18.25 3.33 6.96
CA SER A 96 17.51 2.20 7.51
C SER A 96 16.50 1.79 6.45
N ALA A 97 15.65 0.82 6.81
CA ALA A 97 14.74 0.15 5.90
C ALA A 97 13.88 1.12 5.09
N VAL A 98 13.75 0.82 3.81
CA VAL A 98 12.81 1.53 2.94
C VAL A 98 11.44 0.88 3.12
N THR A 99 10.45 1.68 3.51
CA THR A 99 9.11 1.17 3.80
C THR A 99 8.13 1.41 2.69
N SER A 100 8.37 2.40 1.82
CA SER A 100 7.36 2.79 0.84
C SER A 100 8.08 3.49 -0.30
N LEU A 101 7.46 3.46 -1.48
CA LEU A 101 8.05 4.17 -2.60
C LEU A 101 6.98 4.45 -3.65
N GLN A 102 7.28 5.42 -4.52
CA GLN A 102 6.47 5.70 -5.70
C GLN A 102 7.40 6.31 -6.74
N PHE A 103 7.13 6.04 -8.02
CA PHE A 103 8.00 6.64 -9.05
C PHE A 103 7.19 7.05 -10.26
N ASN A 104 7.77 7.95 -11.06
CA ASN A 104 7.27 8.26 -12.40
C ASN A 104 8.47 8.41 -13.32
N ASP A 105 8.25 9.05 -14.48
CA ASP A 105 9.31 9.19 -15.49
C ASP A 105 10.39 10.17 -15.07
N ASN A 106 10.18 10.96 -14.02
CA ASN A 106 11.17 11.94 -13.56
C ASN A 106 11.86 11.55 -12.28
N ILE A 107 11.14 10.99 -11.31
CA ILE A 107 11.65 10.85 -9.96
C ILE A 107 11.21 9.53 -9.34
N VAL A 108 12.00 9.09 -8.37
CA VAL A 108 11.60 8.09 -7.39
C VAL A 108 11.49 8.80 -6.05
N VAL A 109 10.45 8.50 -5.28
CA VAL A 109 10.26 9.04 -3.94
C VAL A 109 10.16 7.87 -2.97
N SER A 110 11.03 7.84 -1.97
CA SER A 110 11.06 6.71 -1.04
C SER A 110 10.95 7.19 0.40
N GLY A 111 10.29 6.40 1.25
CA GLY A 111 10.19 6.71 2.68
C GLY A 111 10.90 5.63 3.47
N SER A 112 11.47 6.02 4.61
CA SER A 112 12.32 5.10 5.34
C SER A 112 12.09 5.14 6.84
N ASP A 113 12.41 4.00 7.47
CA ASP A 113 12.58 3.92 8.91
C ASP A 113 13.60 4.93 9.42
N ASP A 114 14.42 5.54 8.56
CA ASP A 114 15.34 6.52 9.09
C ASP A 114 14.68 7.88 9.35
N SER A 115 13.36 8.02 9.11
CA SER A 115 12.53 9.23 9.35
C SER A 115 12.61 10.22 8.21
N THR A 116 13.24 9.88 7.08
CA THR A 116 13.32 10.79 5.95
C THR A 116 12.54 10.26 4.77
N VAL A 117 12.21 11.19 3.87
CA VAL A 117 11.75 10.88 2.53
C VAL A 117 12.85 11.36 1.58
N LYS A 118 13.23 10.54 0.62
CA LYS A 118 14.21 10.95 -0.37
C LYS A 118 13.58 11.07 -1.75
N VAL A 119 14.03 12.07 -2.50
CA VAL A 119 13.63 12.30 -3.88
C VAL A 119 14.87 12.04 -4.72
N TRP A 120 14.75 11.10 -5.66
CA TRP A 120 15.84 10.67 -6.51
C TRP A 120 15.53 11.00 -7.96
N ASP A 121 16.53 11.48 -8.70
CA ASP A 121 16.37 11.65 -10.15
C ASP A 121 16.49 10.26 -10.78
N ILE A 122 15.39 9.78 -11.38
CA ILE A 122 15.37 8.41 -11.87
C ILE A 122 16.27 8.25 -13.09
N LYS A 123 16.49 9.33 -13.86
CA LYS A 123 17.28 9.26 -15.08
C LYS A 123 18.79 9.27 -14.79
N THR A 124 19.22 10.06 -13.82
CA THR A 124 20.63 10.08 -13.45
C THR A 124 20.96 9.10 -12.35
N GLY A 125 19.95 8.60 -11.63
CA GLY A 125 20.19 7.71 -10.52
C GLY A 125 20.81 8.35 -9.30
N GLN A 126 20.62 9.67 -9.12
CA GLN A 126 21.22 10.39 -8.01
C GLN A 126 20.13 11.00 -7.13
N SER A 127 20.48 11.18 -5.86
CA SER A 127 19.58 11.82 -4.90
C SER A 127 19.46 13.31 -5.22
N LEU A 128 18.22 13.81 -5.25
CA LEU A 128 17.94 15.22 -5.49
C LEU A 128 17.82 16.01 -4.20
N ARG A 129 17.09 15.47 -3.22
CA ARG A 129 16.97 16.13 -1.94
C ARG A 129 16.42 15.14 -0.92
N THR A 130 16.62 15.49 0.34
CA THR A 130 16.14 14.68 1.45
C THR A 130 15.13 15.51 2.21
N LEU A 131 13.94 14.97 2.42
CA LEU A 131 12.85 15.68 3.12
C LEU A 131 12.98 15.35 4.59
N GLN A 132 13.48 16.31 5.37
CA GLN A 132 13.77 16.12 6.79
C GLN A 132 12.72 16.84 7.63
N GLY A 133 12.27 16.20 8.70
CA GLY A 133 11.31 16.84 9.58
C GLY A 133 10.53 15.87 10.43
N HIS A 134 10.23 14.68 9.91
CA HIS A 134 9.59 13.67 10.74
C HIS A 134 10.53 13.20 11.85
N GLN A 135 9.94 12.84 12.99
CA GLN A 135 10.70 12.46 14.17
C GLN A 135 10.78 10.95 14.35
N SER A 136 10.18 10.19 13.43
CA SER A 136 10.23 8.75 13.46
C SER A 136 9.91 8.22 12.05
N ALA A 137 9.82 6.91 11.94
CA ALA A 137 9.79 6.19 10.67
C ALA A 137 8.67 6.69 9.76
N VAL A 138 9.00 6.85 8.50
CA VAL A 138 7.97 7.11 7.49
C VAL A 138 7.36 5.78 7.10
N THR A 139 6.03 5.70 7.16
CA THR A 139 5.29 4.48 6.90
C THR A 139 4.58 4.46 5.55
N SER A 140 4.34 5.61 4.94
CA SER A 140 3.42 5.72 3.83
C SER A 140 3.68 7.06 3.15
N LEU A 141 3.47 7.09 1.84
CA LEU A 141 3.68 8.32 1.08
C LEU A 141 2.89 8.25 -0.21
N GLN A 142 2.62 9.43 -0.78
CA GLN A 142 2.00 9.55 -2.09
C GLN A 142 2.47 10.89 -2.63
N PHE A 143 2.72 10.99 -3.94
CA PHE A 143 3.08 12.28 -4.53
C PHE A 143 2.31 12.49 -5.83
N ASN A 144 2.31 13.75 -6.26
CA ASN A 144 1.79 14.12 -7.58
C ASN A 144 2.72 15.12 -8.28
N ASP A 145 2.15 15.92 -9.16
CA ASP A 145 2.77 17.09 -9.78
C ASP A 145 3.70 17.86 -8.85
N ASN A 146 3.14 18.45 -7.81
CA ASN A 146 3.82 19.44 -7.00
C ASN A 146 4.23 18.94 -5.62
N ILE A 147 3.59 17.88 -5.14
CA ILE A 147 3.40 17.68 -3.70
C ILE A 147 3.77 16.24 -3.37
N VAL A 148 4.50 16.06 -2.28
CA VAL A 148 4.62 14.77 -1.58
C VAL A 148 3.84 14.86 -0.28
N VAL A 149 3.14 13.79 0.08
CA VAL A 149 2.44 13.69 1.35
C VAL A 149 2.95 12.40 2.00
N SER A 150 3.46 12.52 3.23
CA SER A 150 4.06 11.40 3.96
C SER A 150 3.41 11.22 5.31
N GLY A 151 3.23 9.97 5.73
CA GLY A 151 2.74 9.67 7.06
C GLY A 151 3.83 8.98 7.88
N SER A 152 3.79 9.16 9.20
CA SER A 152 4.92 8.77 10.04
C SER A 152 4.47 8.15 11.36
N ASP A 153 5.36 7.30 11.92
CA ASP A 153 5.26 6.79 13.29
C ASP A 153 5.24 7.91 14.32
N ASP A 154 5.65 9.13 13.93
CA ASP A 154 5.61 10.24 14.87
C ASP A 154 4.22 10.83 15.04
N SER A 155 3.21 10.26 14.36
CA SER A 155 1.77 10.58 14.45
C SER A 155 1.35 11.77 13.58
N THR A 156 2.23 12.29 12.74
CA THR A 156 1.88 13.38 11.85
C THR A 156 1.88 12.95 10.39
N VAL A 157 1.17 13.72 9.59
CA VAL A 157 1.28 13.71 8.15
C VAL A 157 1.94 15.01 7.75
N LYS A 158 2.88 14.96 6.81
CA LYS A 158 3.48 16.18 6.33
C LYS A 158 3.29 16.32 4.83
N VAL A 159 3.15 17.57 4.40
CA VAL A 159 2.99 17.91 2.99
C VAL A 159 4.22 18.69 2.58
N TRP A 160 4.88 18.26 1.49
CA TRP A 160 6.15 18.83 1.07
C TRP A 160 6.08 19.35 -0.36
N ASP A 161 6.86 20.40 -0.61
CA ASP A 161 7.12 20.92 -1.95
C ASP A 161 8.21 20.06 -2.57
N ILE A 162 7.84 19.33 -3.62
CA ILE A 162 8.75 18.34 -4.19
C ILE A 162 9.95 19.01 -4.84
N LYS A 163 9.76 20.20 -5.45
CA LYS A 163 10.83 20.88 -6.15
C LYS A 163 11.84 21.55 -5.22
N THR A 164 11.40 22.02 -4.05
CA THR A 164 12.30 22.68 -3.11
C THR A 164 12.68 21.82 -1.93
N GLY A 165 11.93 20.75 -1.65
CA GLY A 165 12.15 19.98 -0.44
C GLY A 165 11.56 20.59 0.82
N GLN A 166 10.94 21.76 0.74
CA GLN A 166 10.43 22.46 1.92
C GLN A 166 9.13 21.82 2.43
N SER A 167 9.04 21.67 3.75
CA SER A 167 7.77 21.32 4.39
C SER A 167 6.76 22.46 4.21
N LEU A 168 5.60 22.13 3.64
CA LEU A 168 4.52 23.10 3.45
C LEU A 168 3.48 23.03 4.55
N ARG A 169 3.10 21.83 4.98
CA ARG A 169 2.08 21.69 6.00
C ARG A 169 2.46 20.53 6.90
N THR A 170 2.10 20.65 8.18
CA THR A 170 2.20 19.53 9.11
C THR A 170 0.82 19.30 9.70
N LEU A 171 0.29 18.12 9.49
CA LEU A 171 -1.08 17.78 9.85
C LEU A 171 -1.01 17.07 11.21
N GLN A 172 -1.43 17.76 12.26
CA GLN A 172 -1.26 17.30 13.63
C GLN A 172 -2.60 16.99 14.26
N GLY A 173 -2.70 15.87 14.96
CA GLY A 173 -3.96 15.53 15.60
C GLY A 173 -4.09 14.06 15.94
N HIS A 174 -3.55 13.17 15.10
CA HIS A 174 -3.54 11.77 15.49
C HIS A 174 -2.74 11.58 16.76
N GLN A 175 -3.14 10.61 17.58
CA GLN A 175 -2.50 10.33 18.86
C GLN A 175 -1.54 9.16 18.81
N SER A 176 -1.33 8.58 17.63
CA SER A 176 -0.38 7.50 17.44
C SER A 176 -0.04 7.43 15.96
N ALA A 177 0.75 6.41 15.60
CA ALA A 177 1.40 6.34 14.30
C ALA A 177 0.38 6.41 13.15
N VAL A 178 0.73 7.13 12.11
CA VAL A 178 -0.03 7.09 10.87
C VAL A 178 0.43 5.88 10.08
N THR A 179 -0.53 5.04 9.68
CA THR A 179 -0.24 3.79 8.97
C THR A 179 -0.51 3.86 7.49
N SER A 180 -1.36 4.78 7.07
CA SER A 180 -1.95 4.75 5.73
C SER A 180 -2.44 6.13 5.38
N LEU A 181 -2.39 6.45 4.10
CA LEU A 181 -2.87 7.76 3.67
C LEU A 181 -3.22 7.71 2.19
N GLN A 182 -4.07 8.65 1.80
CA GLN A 182 -4.39 8.89 0.41
C GLN A 182 -4.69 10.37 0.28
N PHE A 183 -4.37 10.97 -0.86
CA PHE A 183 -4.80 12.35 -1.05
C PHE A 183 -5.28 12.56 -2.47
N ASN A 184 -6.22 13.50 -2.60
CA ASN A 184 -6.84 13.83 -3.87
C ASN A 184 -7.28 15.27 -3.81
N ASP A 185 -6.83 16.06 -4.78
CA ASP A 185 -7.08 17.49 -4.82
C ASP A 185 -6.71 18.13 -3.49
N ASN A 186 -7.68 18.67 -2.76
CA ASN A 186 -7.35 19.40 -1.53
C ASN A 186 -7.68 18.61 -0.26
N ILE A 187 -7.85 17.29 -0.37
CA ILE A 187 -8.22 16.42 0.73
C ILE A 187 -7.11 15.39 0.95
N VAL A 188 -6.66 15.24 2.21
CA VAL A 188 -5.86 14.10 2.66
C VAL A 188 -6.73 13.28 3.61
N VAL A 189 -6.68 11.96 3.47
CA VAL A 189 -7.32 11.05 4.42
C VAL A 189 -6.24 10.15 5.01
N SER A 190 -6.15 10.08 6.35
CA SER A 190 -5.09 9.33 7.00
C SER A 190 -5.69 8.34 8.02
N GLY A 191 -5.08 7.18 8.13
CA GLY A 191 -5.48 6.17 9.11
C GLY A 191 -4.39 6.05 10.15
N SER A 192 -4.76 5.68 11.38
CA SER A 192 -3.78 5.72 12.47
C SER A 192 -3.91 4.52 13.41
N ASP A 193 -2.80 4.21 14.09
CA ASP A 193 -2.83 3.26 15.23
C ASP A 193 -3.74 3.73 16.35
N ASP A 194 -4.12 5.01 16.38
CA ASP A 194 -5.00 5.49 17.42
C ASP A 194 -6.47 5.10 17.18
N SER A 195 -6.74 4.37 16.10
CA SER A 195 -8.05 3.76 15.73
C SER A 195 -8.97 4.75 15.02
N THR A 196 -8.48 5.90 14.60
CA THR A 196 -9.31 6.82 13.86
C THR A 196 -8.79 6.99 12.44
N VAL A 197 -9.68 7.51 11.60
CA VAL A 197 -9.33 8.06 10.30
C VAL A 197 -9.57 9.56 10.41
N LYS A 198 -8.67 10.36 9.85
CA LYS A 198 -8.89 11.81 9.84
C LYS A 198 -8.94 12.29 8.39
N VAL A 199 -9.81 13.27 8.16
CA VAL A 199 -9.96 13.93 6.87
C VAL A 199 -9.44 15.34 7.03
N TRP A 200 -8.51 15.75 6.17
CA TRP A 200 -7.80 17.01 6.35
C TRP A 200 -7.92 17.90 5.12
N ASP A 201 -7.90 19.20 5.36
CA ASP A 201 -7.82 20.20 4.30
C ASP A 201 -6.35 20.52 4.04
N ILE A 202 -5.88 20.22 2.83
CA ILE A 202 -4.48 20.48 2.49
C ILE A 202 -4.19 21.97 2.34
N LYS A 203 -5.20 22.79 2.01
CA LYS A 203 -4.96 24.23 1.84
C LYS A 203 -4.45 24.86 3.13
N THR A 204 -5.13 24.60 4.26
CA THR A 204 -4.80 25.20 5.54
C THR A 204 -4.10 24.24 6.50
N GLY A 205 -3.94 22.99 6.12
CA GLY A 205 -3.33 21.98 6.98
C GLY A 205 -4.11 21.69 8.24
N GLN A 206 -5.43 21.78 8.18
CA GLN A 206 -6.28 21.62 9.35
C GLN A 206 -7.21 20.44 9.16
N SER A 207 -7.59 19.82 10.28
N SER A 207 -7.58 19.79 10.27
CA SER A 207 -8.51 18.69 10.22
CA SER A 207 -8.48 18.65 10.19
C SER A 207 -9.92 19.15 9.86
C SER A 207 -9.90 19.12 9.87
N LEU A 208 -10.58 18.36 9.01
CA LEU A 208 -11.98 18.58 8.68
C LEU A 208 -12.89 17.79 9.61
N ARG A 209 -12.59 16.51 9.78
CA ARG A 209 -13.38 15.69 10.70
C ARG A 209 -12.59 14.44 11.05
N THR A 210 -13.04 13.80 12.12
CA THR A 210 -12.41 12.57 12.60
C THR A 210 -13.45 11.47 12.55
N LEU A 211 -13.11 10.36 11.90
CA LEU A 211 -14.03 9.23 11.73
C LEU A 211 -13.75 8.27 12.87
N GLN A 212 -14.66 8.21 13.85
CA GLN A 212 -14.49 7.46 15.09
C GLN A 212 -15.40 6.24 15.06
N GLY A 213 -14.87 5.11 15.49
CA GLY A 213 -15.69 3.90 15.48
C GLY A 213 -14.91 2.61 15.50
N HIS A 214 -13.80 2.53 14.77
CA HIS A 214 -12.97 1.33 14.88
C HIS A 214 -12.47 1.15 16.31
N GLN A 215 -12.30 -0.11 16.71
CA GLN A 215 -11.90 -0.44 18.08
C GLN A 215 -10.42 -0.78 18.18
N SER A 216 -9.67 -0.66 17.09
CA SER A 216 -8.24 -0.86 17.10
C SER A 216 -7.65 -0.16 15.89
N ALA A 217 -6.35 -0.34 15.68
CA ALA A 217 -5.62 0.42 14.68
C ALA A 217 -6.26 0.33 13.30
N VAL A 218 -6.21 1.44 12.57
CA VAL A 218 -6.58 1.44 11.15
C VAL A 218 -5.34 1.09 10.36
N THR A 219 -5.46 0.05 9.54
CA THR A 219 -4.34 -0.49 8.79
C THR A 219 -4.33 -0.03 7.33
N SER A 220 -5.48 0.36 6.79
CA SER A 220 -5.63 0.53 5.36
C SER A 220 -6.87 1.38 5.09
N LEU A 221 -6.82 2.15 4.00
CA LEU A 221 -8.00 2.92 3.62
C LEU A 221 -7.94 3.22 2.13
N GLN A 222 -9.12 3.55 1.60
CA GLN A 222 -9.29 4.11 0.26
C GLN A 222 -10.48 5.06 0.31
N PHE A 223 -10.45 6.13 -0.48
CA PHE A 223 -11.61 7.02 -0.53
C PHE A 223 -11.88 7.49 -1.96
N ASN A 224 -13.11 7.91 -2.19
CA ASN A 224 -13.49 8.56 -3.44
C ASN A 224 -14.28 9.82 -3.07
N ASP A 225 -15.08 10.31 -4.02
CA ASP A 225 -15.82 11.56 -3.81
C ASP A 225 -16.91 11.43 -2.75
N ASN A 226 -17.45 10.23 -2.57
CA ASN A 226 -18.58 9.98 -1.68
C ASN A 226 -18.17 9.38 -0.34
N ILE A 227 -17.22 8.42 -0.33
CA ILE A 227 -17.07 7.55 0.83
C ILE A 227 -15.59 7.30 1.12
N VAL A 228 -15.33 6.97 2.38
CA VAL A 228 -14.06 6.38 2.81
C VAL A 228 -14.36 4.95 3.20
N VAL A 229 -13.48 4.03 2.81
CA VAL A 229 -13.54 2.64 3.25
C VAL A 229 -12.24 2.35 4.00
N SER A 230 -12.36 1.83 5.23
CA SER A 230 -11.21 1.66 6.12
C SER A 230 -11.18 0.25 6.68
N GLY A 231 -9.98 -0.32 6.83
CA GLY A 231 -9.85 -1.64 7.44
C GLY A 231 -9.07 -1.53 8.74
N SER A 232 -9.37 -2.42 9.70
CA SER A 232 -8.80 -2.23 11.03
C SER A 232 -8.31 -3.55 11.63
N ASP A 233 -7.36 -3.42 12.58
CA ASP A 233 -6.99 -4.51 13.47
C ASP A 233 -8.16 -5.10 14.24
N ASP A 234 -9.28 -4.38 14.36
CA ASP A 234 -10.44 -4.93 15.04
C ASP A 234 -11.22 -5.94 14.20
N SER A 235 -10.72 -6.30 13.01
CA SER A 235 -11.25 -7.29 12.07
C SER A 235 -12.44 -6.78 11.26
N THR A 236 -12.79 -5.48 11.31
CA THR A 236 -13.87 -4.98 10.49
C THR A 236 -13.35 -4.08 9.36
N VAL A 237 -14.19 -3.92 8.35
CA VAL A 237 -14.08 -2.84 7.38
C VAL A 237 -15.27 -1.91 7.64
N LYS A 238 -15.03 -0.59 7.58
CA LYS A 238 -16.12 0.36 7.75
C LYS A 238 -16.21 1.24 6.52
N VAL A 239 -17.45 1.57 6.16
CA VAL A 239 -17.77 2.50 5.09
C VAL A 239 -18.30 3.77 5.73
N TRP A 240 -17.71 4.91 5.38
CA TRP A 240 -18.04 6.20 5.97
C TRP A 240 -18.46 7.19 4.89
N ASP A 241 -19.29 8.16 5.29
CA ASP A 241 -19.56 9.30 4.41
C ASP A 241 -18.45 10.33 4.62
N ILE A 242 -17.73 10.65 3.54
CA ILE A 242 -16.54 11.49 3.70
C ILE A 242 -16.92 12.93 4.05
N LYS A 243 -18.13 13.37 3.68
CA LYS A 243 -18.54 14.75 3.95
C LYS A 243 -19.18 14.92 5.32
N THR A 244 -19.95 13.94 5.79
CA THR A 244 -20.59 14.03 7.10
C THR A 244 -19.74 13.41 8.20
N GLY A 245 -18.80 12.53 7.85
CA GLY A 245 -18.03 11.80 8.83
C GLY A 245 -18.77 10.65 9.47
N GLN A 246 -19.98 10.35 9.03
CA GLN A 246 -20.80 9.32 9.69
C GLN A 246 -20.42 7.93 9.20
N SER A 247 -20.36 6.99 10.15
CA SER A 247 -20.26 5.57 9.81
C SER A 247 -21.54 5.13 9.12
N LEU A 248 -21.42 4.52 7.94
CA LEU A 248 -22.60 4.05 7.21
C LEU A 248 -22.83 2.56 7.35
N ARG A 249 -21.77 1.75 7.31
N ARG A 249 -21.77 1.75 7.29
CA ARG A 249 -21.89 0.30 7.35
CA ARG A 249 -21.93 0.31 7.42
C ARG A 249 -20.61 -0.28 7.94
C ARG A 249 -20.63 -0.29 7.93
N THR A 250 -20.76 -1.30 8.79
CA THR A 250 -19.62 -2.07 9.28
C THR A 250 -19.70 -3.45 8.61
N LEU A 251 -18.65 -3.82 7.90
CA LEU A 251 -18.56 -5.12 7.25
C LEU A 251 -17.92 -6.10 8.23
N GLN A 252 -18.73 -6.99 8.77
CA GLN A 252 -18.28 -7.91 9.81
C GLN A 252 -18.19 -9.33 9.23
N GLY A 253 -17.13 -10.04 9.58
CA GLY A 253 -16.99 -11.38 9.06
C GLY A 253 -15.61 -11.97 9.20
N HIS A 254 -14.59 -11.16 8.92
CA HIS A 254 -13.21 -11.59 9.16
C HIS A 254 -13.00 -11.92 10.64
N GLN A 255 -12.16 -12.93 10.88
CA GLN A 255 -11.89 -13.41 12.23
C GLN A 255 -10.60 -12.84 12.80
N SER A 256 -9.94 -11.96 12.06
CA SER A 256 -8.75 -11.30 12.60
C SER A 256 -8.55 -10.03 11.78
N ALA A 257 -7.43 -9.37 12.02
CA ALA A 257 -7.14 -8.04 11.49
C ALA A 257 -7.26 -7.99 9.98
N VAL A 258 -7.86 -6.90 9.50
CA VAL A 258 -7.88 -6.57 8.08
C VAL A 258 -6.59 -5.86 7.76
N THR A 259 -5.84 -6.38 6.79
CA THR A 259 -4.55 -5.84 6.45
C THR A 259 -4.56 -5.01 5.19
N SER A 260 -5.55 -5.22 4.31
CA SER A 260 -5.52 -4.63 2.98
C SER A 260 -6.93 -4.55 2.47
N LEU A 261 -7.18 -3.60 1.57
CA LEU A 261 -8.51 -3.54 0.96
C LEU A 261 -8.43 -2.76 -0.34
N GLN A 262 -9.45 -2.95 -1.17
CA GLN A 262 -9.66 -2.16 -2.37
C GLN A 262 -11.15 -2.18 -2.66
N PHE A 263 -11.68 -1.08 -3.21
CA PHE A 263 -13.11 -1.08 -3.53
C PHE A 263 -13.37 -0.37 -4.86
N ASN A 264 -14.55 -0.65 -5.42
CA ASN A 264 -15.07 0.14 -6.55
C ASN A 264 -16.58 0.33 -6.34
N ASP A 265 -17.28 0.67 -7.42
CA ASP A 265 -18.73 0.91 -7.33
C ASP A 265 -19.54 -0.35 -7.07
N ASN A 266 -18.97 -1.53 -7.27
CA ASN A 266 -19.70 -2.78 -7.06
C ASN A 266 -19.32 -3.51 -5.79
N ILE A 267 -18.03 -3.53 -5.44
CA ILE A 267 -17.54 -4.46 -4.44
C ILE A 267 -16.47 -3.79 -3.59
N VAL A 268 -16.33 -4.31 -2.39
CA VAL A 268 -15.14 -4.14 -1.54
C VAL A 268 -14.44 -5.49 -1.48
N VAL A 269 -13.11 -5.49 -1.59
CA VAL A 269 -12.30 -6.69 -1.44
C VAL A 269 -11.32 -6.46 -0.30
N SER A 270 -11.33 -7.34 0.71
CA SER A 270 -10.48 -7.17 1.90
C SER A 270 -9.64 -8.43 2.16
N GLY A 271 -8.41 -8.23 2.64
CA GLY A 271 -7.54 -9.33 3.02
C GLY A 271 -7.30 -9.28 4.52
N SER A 272 -7.13 -10.45 5.14
CA SER A 272 -7.06 -10.52 6.58
C SER A 272 -5.96 -11.45 7.07
N ASP A 273 -5.50 -11.15 8.29
CA ASP A 273 -4.73 -12.09 9.10
C ASP A 273 -5.43 -13.41 9.29
N ASP A 274 -6.75 -13.51 9.01
CA ASP A 274 -7.38 -14.81 9.17
C ASP A 274 -7.10 -15.77 8.00
N SER A 275 -6.33 -15.32 7.00
CA SER A 275 -5.87 -16.09 5.83
C SER A 275 -6.89 -16.08 4.69
N THR A 276 -7.95 -15.28 4.82
CA THR A 276 -8.95 -15.21 3.77
C THR A 276 -8.98 -13.85 3.10
N VAL A 277 -9.55 -13.84 1.90
CA VAL A 277 -9.95 -12.64 1.20
C VAL A 277 -11.48 -12.67 1.14
N LYS A 278 -12.12 -11.55 1.48
CA LYS A 278 -13.57 -11.48 1.36
C LYS A 278 -13.98 -10.50 0.28
N VAL A 279 -15.04 -10.85 -0.44
CA VAL A 279 -15.65 -10.00 -1.45
C VAL A 279 -17.01 -9.60 -0.90
N TRP A 280 -17.24 -8.29 -0.79
CA TRP A 280 -18.46 -7.74 -0.21
C TRP A 280 -19.21 -6.95 -1.27
N ASP A 281 -20.53 -7.08 -1.28
CA ASP A 281 -21.35 -6.23 -2.13
C ASP A 281 -21.45 -4.86 -1.45
N ILE A 282 -20.86 -3.83 -2.08
CA ILE A 282 -20.78 -2.52 -1.43
C ILE A 282 -22.17 -1.85 -1.34
N LYS A 283 -23.10 -2.21 -2.22
CA LYS A 283 -24.43 -1.56 -2.22
C LYS A 283 -25.34 -2.16 -1.15
N THR A 284 -25.25 -3.46 -0.95
CA THR A 284 -26.07 -4.12 0.08
C THR A 284 -25.36 -4.23 1.42
N GLY A 285 -24.04 -4.03 1.44
CA GLY A 285 -23.28 -4.22 2.66
C GLY A 285 -23.17 -5.65 3.13
N GLN A 286 -23.33 -6.63 2.24
CA GLN A 286 -23.30 -8.03 2.62
C GLN A 286 -22.13 -8.74 1.95
N SER A 287 -21.63 -9.77 2.62
N SER A 287 -21.66 -9.82 2.57
CA SER A 287 -20.58 -10.60 2.03
CA SER A 287 -20.52 -10.56 2.04
C SER A 287 -21.15 -11.33 0.83
C SER A 287 -20.98 -11.53 0.95
N LEU A 288 -20.32 -11.44 -0.21
CA LEU A 288 -20.67 -12.22 -1.40
C LEU A 288 -19.99 -13.58 -1.41
N ARG A 289 -18.72 -13.63 -1.06
CA ARG A 289 -18.01 -14.90 -1.01
C ARG A 289 -16.71 -14.71 -0.26
N THR A 290 -16.16 -15.83 0.21
CA THR A 290 -14.89 -15.84 0.93
C THR A 290 -13.92 -16.65 0.09
N LEU A 291 -12.75 -16.07 -0.18
CA LEU A 291 -11.72 -16.75 -0.98
C LEU A 291 -10.83 -17.48 -0.01
N GLN A 292 -10.98 -18.81 0.05
CA GLN A 292 -10.27 -19.67 0.97
C GLN A 292 -9.17 -20.45 0.24
N GLY A 293 -8.00 -20.55 0.86
CA GLY A 293 -6.92 -21.31 0.23
C GLY A 293 -5.55 -20.97 0.77
N HIS A 294 -5.32 -19.69 1.10
CA HIS A 294 -4.06 -19.34 1.75
C HIS A 294 -3.97 -20.00 3.13
N GLN A 295 -2.74 -20.32 3.52
CA GLN A 295 -2.48 -21.01 4.77
C GLN A 295 -1.99 -20.08 5.87
N SER A 296 -1.91 -18.78 5.59
CA SER A 296 -1.53 -17.79 6.57
C SER A 296 -2.02 -16.42 6.08
N ALA A 297 -1.62 -15.38 6.81
CA ALA A 297 -2.19 -14.06 6.69
C ALA A 297 -2.07 -13.51 5.27
N VAL A 298 -3.14 -12.90 4.80
CA VAL A 298 -3.06 -12.16 3.56
C VAL A 298 -2.48 -10.79 3.87
N THR A 299 -1.44 -10.39 3.13
CA THR A 299 -0.73 -9.15 3.36
C THR A 299 -1.02 -8.07 2.31
N SER A 300 -1.54 -8.44 1.15
CA SER A 300 -1.58 -7.54 0.01
C SER A 300 -2.56 -8.10 -1.00
N LEU A 301 -3.22 -7.20 -1.73
CA LEU A 301 -4.17 -7.64 -2.74
C LEU A 301 -4.35 -6.55 -3.77
N GLN A 302 -4.80 -6.96 -4.96
CA GLN A 302 -5.18 -6.03 -6.00
C GLN A 302 -6.23 -6.75 -6.82
N PHE A 303 -7.25 -6.03 -7.28
CA PHE A 303 -8.22 -6.62 -8.19
C PHE A 303 -8.46 -5.70 -9.38
N ASN A 304 -8.87 -6.31 -10.48
CA ASN A 304 -9.04 -5.56 -11.72
C ASN A 304 -10.01 -6.38 -12.54
N ASP A 305 -11.21 -5.82 -12.73
CA ASP A 305 -12.32 -6.47 -13.42
C ASP A 305 -12.61 -7.74 -12.63
N ASN A 306 -12.59 -8.92 -13.25
CA ASN A 306 -13.04 -10.14 -12.62
C ASN A 306 -11.91 -10.97 -12.02
N ILE A 307 -10.79 -10.34 -11.67
CA ILE A 307 -9.59 -11.04 -11.20
C ILE A 307 -9.14 -10.37 -9.91
N VAL A 308 -8.94 -11.18 -8.85
CA VAL A 308 -8.26 -10.76 -7.61
C VAL A 308 -6.90 -11.47 -7.54
N VAL A 309 -5.87 -10.75 -7.11
CA VAL A 309 -4.55 -11.31 -6.88
C VAL A 309 -4.17 -10.96 -5.44
N SER A 310 -3.83 -11.99 -4.65
CA SER A 310 -3.53 -11.82 -3.22
C SER A 310 -2.16 -12.39 -2.87
N GLY A 311 -1.42 -11.70 -2.00
CA GLY A 311 -0.16 -12.21 -1.47
C GLY A 311 -0.29 -12.57 0.00
N SER A 312 0.51 -13.54 0.45
CA SER A 312 0.32 -14.15 1.77
C SER A 312 1.63 -14.44 2.48
N ASP A 313 1.55 -14.44 3.82
CA ASP A 313 2.60 -14.94 4.70
C ASP A 313 2.93 -16.39 4.42
N ASP A 314 2.06 -17.12 3.72
CA ASP A 314 2.35 -18.51 3.38
C ASP A 314 3.32 -18.63 2.21
N SER A 315 3.78 -17.51 1.66
CA SER A 315 4.83 -17.42 0.60
C SER A 315 4.29 -17.59 -0.81
N THR A 316 2.98 -17.68 -0.99
CA THR A 316 2.39 -17.76 -2.31
C THR A 316 1.61 -16.49 -2.66
N VAL A 317 1.43 -16.31 -3.96
CA VAL A 317 0.46 -15.41 -4.54
C VAL A 317 -0.63 -16.26 -5.16
N LYS A 318 -1.88 -15.86 -4.99
CA LYS A 318 -2.96 -16.59 -5.64
C LYS A 318 -3.77 -15.66 -6.52
N VAL A 319 -4.29 -16.22 -7.61
CA VAL A 319 -5.13 -15.49 -8.55
C VAL A 319 -6.51 -16.13 -8.48
N TRP A 320 -7.55 -15.31 -8.30
CA TRP A 320 -8.89 -15.80 -8.06
C TRP A 320 -9.88 -15.22 -9.07
N ASP A 321 -10.90 -16.02 -9.38
CA ASP A 321 -12.04 -15.59 -10.16
C ASP A 321 -12.99 -14.83 -9.23
N ILE A 322 -13.14 -13.53 -9.48
CA ILE A 322 -13.90 -12.70 -8.56
C ILE A 322 -15.36 -13.13 -8.55
N LYS A 323 -15.90 -13.53 -9.70
CA LYS A 323 -17.36 -13.80 -9.71
C LYS A 323 -17.71 -15.22 -9.24
N GLY A 324 -16.74 -16.14 -9.15
N GLY A 324 -16.72 -16.09 -9.17
CA GLY A 324 -17.01 -17.50 -8.64
CA GLY A 324 -16.90 -17.46 -8.66
C GLY A 324 -16.42 -17.79 -7.28
C GLY A 324 -16.33 -18.41 -9.70
#